data_6O14
#
_entry.id   6O14
#
_cell.length_a   128.345
_cell.length_b   128.345
_cell.length_c   45.158
_cell.angle_alpha   90.00
_cell.angle_beta   90.00
_cell.angle_gamma   120.00
#
_symmetry.space_group_name_H-M   'P 63'
#
loop_
_entity.id
_entity.type
_entity.pdbx_description
1 polymer 'ABC transporter'
2 non-polymer GLYCEROL
3 water water
#
_entity_poly.entity_id   1
_entity_poly.type   'polypeptide(L)'
_entity_poly.pdbx_seq_one_letter_code
;MNFKAVIKEVRLKSEHGYTNNFPSGDTLFIELDVEAKEDLQDVVAGILIRDRFGQDIFGINTYLMEKKVELKKGKYLFTF
KMPLNLAPGKYTLTVALHKGMDHAQECYHWIDNVCNFEVNGFKKEQFVGVCYLPTEFNYRKIPKLHHHHHH
;
_entity_poly.pdbx_strand_id   A,B
#
loop_
_chem_comp.id
_chem_comp.type
_chem_comp.name
_chem_comp.formula
GOL non-polymer GLYCEROL 'C3 H8 O3'
#
# COMPACT_ATOMS: atom_id res chain seq x y z
N MET A 1 30.49 10.10 -3.01
CA MET A 1 29.65 11.17 -3.53
C MET A 1 30.42 12.52 -3.62
N ASN A 2 30.03 13.40 -4.55
CA ASN A 2 30.79 14.63 -4.79
C ASN A 2 30.43 15.77 -3.83
N PHE A 3 29.18 15.85 -3.38
CA PHE A 3 28.72 16.82 -2.40
C PHE A 3 28.42 18.21 -2.94
N LYS A 4 28.05 18.30 -4.23
CA LYS A 4 27.63 19.58 -4.78
C LYS A 4 26.32 20.02 -4.13
N ALA A 5 25.45 19.08 -3.80
CA ALA A 5 24.27 19.30 -2.99
C ALA A 5 24.30 18.35 -1.80
N VAL A 6 23.78 18.83 -0.67
CA VAL A 6 23.91 18.15 0.61
C VAL A 6 22.58 18.24 1.36
N ILE A 7 22.21 17.12 2.01
CA ILE A 7 21.09 17.09 2.93
C ILE A 7 21.63 17.44 4.30
N LYS A 8 21.22 18.58 4.85
CA LYS A 8 21.73 19.02 6.14
C LYS A 8 20.84 18.61 7.31
N GLU A 9 19.55 18.38 7.05
CA GLU A 9 18.64 17.98 8.13
C GLU A 9 17.44 17.30 7.51
N VAL A 10 16.93 16.30 8.20
CA VAL A 10 15.69 15.64 7.84
C VAL A 10 14.71 15.77 9.01
N ARG A 11 13.46 16.09 8.69
CA ARG A 11 12.41 16.22 9.70
C ARG A 11 11.22 15.41 9.23
N LEU A 12 10.64 14.62 10.14
CA LEU A 12 9.41 13.88 9.88
C LEU A 12 8.22 14.64 10.44
N LYS A 13 7.15 14.69 9.65
CA LYS A 13 6.06 15.57 9.99
C LYS A 13 4.73 14.90 9.67
N SER A 14 3.82 14.97 10.64
CA SER A 14 2.41 14.74 10.43
C SER A 14 1.80 16.05 9.95
N GLU A 15 0.50 16.07 9.64
CA GLU A 15 -0.08 17.33 9.21
C GLU A 15 -0.33 18.28 10.37
N HIS A 16 0.00 17.89 11.60
CA HIS A 16 -0.27 18.74 12.76
C HIS A 16 0.93 18.98 13.65
N GLY A 17 2.04 18.31 13.42
CA GLY A 17 3.22 18.50 14.25
C GLY A 17 4.31 17.53 13.84
N TYR A 18 5.51 17.87 14.25
CA TYR A 18 6.65 17.02 14.00
C TYR A 18 6.60 15.83 14.95
N THR A 19 6.97 14.66 14.44
CA THR A 19 6.94 13.45 15.25
C THR A 19 7.59 12.35 14.44
N ASN A 20 7.99 11.29 15.16
CA ASN A 20 8.50 10.08 14.54
C ASN A 20 7.62 8.88 14.89
N ASN A 21 6.37 9.14 15.27
CA ASN A 21 5.43 8.13 15.76
C ASN A 21 4.06 8.40 15.16
N PHE A 22 3.65 7.58 14.18
CA PHE A 22 2.43 7.83 13.41
C PHE A 22 1.44 6.67 13.50
N PRO A 23 0.13 6.98 13.50
CA PRO A 23 -0.86 5.94 13.26
C PRO A 23 -0.82 5.49 11.81
N SER A 24 -1.32 4.28 11.57
CA SER A 24 -1.30 3.77 10.21
C SER A 24 -2.27 4.57 9.35
N GLY A 25 -1.83 4.98 8.17
CA GLY A 25 -2.67 5.80 7.33
C GLY A 25 -2.54 7.29 7.54
N ASP A 26 -1.91 7.72 8.63
CA ASP A 26 -1.63 9.15 8.81
C ASP A 26 -0.80 9.64 7.63
N THR A 27 -0.96 10.92 7.30
CA THR A 27 -0.19 11.50 6.21
C THR A 27 1.21 11.85 6.72
N LEU A 28 2.21 11.37 6.00
CA LEU A 28 3.61 11.61 6.35
C LEU A 28 4.21 12.68 5.42
N PHE A 29 4.91 13.66 6.02
CA PHE A 29 5.68 14.66 5.29
C PHE A 29 7.16 14.43 5.59
N ILE A 30 7.97 14.20 4.56
CA ILE A 30 9.43 14.15 4.72
C ILE A 30 10.00 15.47 4.25
N GLU A 31 10.61 16.23 5.17
CA GLU A 31 11.26 17.49 4.85
C GLU A 31 12.77 17.28 4.84
N LEU A 32 13.42 17.70 3.75
CA LEU A 32 14.88 17.68 3.67
C LEU A 32 15.36 19.12 3.48
N ASP A 33 16.25 19.56 4.38
CA ASP A 33 16.99 20.81 4.22
C ASP A 33 18.12 20.53 3.24
N VAL A 34 18.06 21.13 2.05
CA VAL A 34 19.06 20.92 1.02
C VAL A 34 19.85 22.20 0.79
N GLU A 35 21.13 22.04 0.53
CA GLU A 35 22.06 23.12 0.20
C GLU A 35 22.80 22.75 -1.07
N ALA A 36 22.84 23.68 -2.02
CA ALA A 36 23.46 23.46 -3.32
C ALA A 36 24.67 24.38 -3.40
N LYS A 37 25.88 23.79 -3.35
CA LYS A 37 27.11 24.56 -3.42
C LYS A 37 27.20 25.38 -4.70
N GLU A 38 26.42 25.02 -5.71
CA GLU A 38 26.53 25.58 -7.03
C GLU A 38 25.19 25.37 -7.73
N ASP A 39 25.16 25.69 -9.02
CA ASP A 39 23.94 25.51 -9.80
C ASP A 39 23.95 24.13 -10.42
N LEU A 40 22.94 23.34 -10.10
CA LEU A 40 22.74 22.00 -10.62
C LEU A 40 21.50 22.01 -11.50
N GLN A 41 21.63 21.47 -12.72
CA GLN A 41 20.56 21.57 -13.69
C GLN A 41 19.69 20.31 -13.77
N ASP A 42 20.08 19.19 -13.13
CA ASP A 42 19.14 18.06 -13.06
C ASP A 42 19.38 17.28 -11.76
N VAL A 43 18.66 17.69 -10.74
CA VAL A 43 18.76 17.04 -9.44
C VAL A 43 17.59 16.07 -9.30
N VAL A 44 17.86 14.96 -8.62
CA VAL A 44 16.92 13.85 -8.43
C VAL A 44 17.02 13.46 -6.97
N ALA A 45 15.90 13.55 -6.25
CA ALA A 45 15.86 13.19 -4.84
C ALA A 45 15.02 11.94 -4.67
N GLY A 46 15.46 11.07 -3.77
CA GLY A 46 14.77 9.80 -3.55
C GLY A 46 14.61 9.54 -2.07
N ILE A 47 13.56 8.80 -1.74
CA ILE A 47 13.32 8.32 -0.38
C ILE A 47 13.12 6.81 -0.43
N LEU A 48 13.47 6.14 0.67
CA LEU A 48 13.32 4.69 0.74
C LEU A 48 12.99 4.31 2.17
N ILE A 49 11.79 3.81 2.37
CA ILE A 49 11.37 3.31 3.68
C ILE A 49 11.70 1.83 3.77
N ARG A 50 12.26 1.43 4.90
CA ARG A 50 12.67 0.05 5.09
C ARG A 50 12.10 -0.50 6.37
N ASP A 51 11.86 -1.81 6.32
CA ASP A 51 11.45 -2.70 7.40
C ASP A 51 12.36 -2.67 8.62
N ARG A 52 11.88 -3.19 9.75
CA ARG A 52 12.77 -3.37 10.88
C ARG A 52 13.84 -4.43 10.64
N PHE A 53 13.75 -5.18 9.54
CA PHE A 53 14.71 -6.22 9.24
C PHE A 53 15.40 -6.00 7.90
N GLY A 54 15.29 -4.80 7.34
CA GLY A 54 15.98 -4.41 6.12
C GLY A 54 15.21 -4.60 4.84
N GLN A 55 13.97 -5.09 4.90
CA GLN A 55 13.18 -5.24 3.68
C GLN A 55 12.78 -3.86 3.14
N ASP A 56 13.01 -3.65 1.85
CA ASP A 56 12.51 -2.45 1.20
C ASP A 56 10.99 -2.45 1.21
N ILE A 57 10.41 -1.47 1.88
CA ILE A 57 8.96 -1.36 1.91
C ILE A 57 8.45 -0.49 0.77
N PHE A 58 9.09 0.66 0.55
CA PHE A 58 8.71 1.56 -0.52
C PHE A 58 9.77 2.61 -0.77
N GLY A 59 10.12 2.82 -2.03
CA GLY A 59 11.08 3.85 -2.39
C GLY A 59 10.74 4.42 -3.76
N ILE A 60 11.02 5.72 -3.94
CA ILE A 60 10.66 6.39 -5.18
C ILE A 60 11.58 7.59 -5.41
N ASN A 61 11.59 8.07 -6.67
CA ASN A 61 12.44 9.16 -7.13
C ASN A 61 11.61 10.30 -7.68
N THR A 62 12.20 11.49 -7.71
CA THR A 62 11.55 12.58 -8.44
C THR A 62 11.69 12.34 -9.94
N TYR A 63 12.66 11.53 -10.36
CA TYR A 63 12.72 11.12 -11.76
C TYR A 63 11.59 10.14 -12.07
N LEU A 64 11.42 9.11 -11.23
CA LEU A 64 10.31 8.18 -11.45
C LEU A 64 8.97 8.89 -11.41
N MET A 65 8.88 9.98 -10.66
CA MET A 65 7.64 10.76 -10.56
C MET A 65 7.48 11.76 -11.70
N GLU A 66 8.45 11.85 -12.62
CA GLU A 66 8.42 12.81 -13.72
C GLU A 66 8.36 14.27 -13.23
N LYS A 67 9.12 14.58 -12.19
CA LYS A 67 9.23 15.93 -11.65
C LYS A 67 10.66 16.42 -11.87
N LYS A 68 10.81 17.49 -12.67
CA LYS A 68 12.13 18.07 -12.94
C LYS A 68 12.52 19.02 -11.83
N VAL A 69 13.78 18.92 -11.38
CA VAL A 69 14.28 19.76 -10.27
C VAL A 69 15.57 20.46 -10.69
N GLU A 70 15.54 21.79 -10.72
CA GLU A 70 16.72 22.58 -11.05
C GLU A 70 17.00 23.53 -9.90
N LEU A 71 18.22 23.53 -9.42
CA LEU A 71 18.60 24.34 -8.27
C LEU A 71 19.59 25.43 -8.66
N LYS A 72 19.53 26.54 -7.92
CA LYS A 72 20.57 27.56 -7.88
C LYS A 72 21.27 27.50 -6.54
N LYS A 73 22.46 28.09 -6.49
CA LYS A 73 23.22 28.07 -5.26
C LYS A 73 22.40 28.78 -4.19
N GLY A 74 22.23 28.12 -3.05
CA GLY A 74 21.30 28.58 -2.04
C GLY A 74 20.75 27.38 -1.27
N LYS A 75 19.82 27.68 -0.37
CA LYS A 75 19.22 26.65 0.46
C LYS A 75 17.80 26.35 -0.01
N TYR A 76 17.41 25.07 0.14
CA TYR A 76 16.12 24.63 -0.37
C TYR A 76 15.41 23.78 0.68
N LEU A 77 14.13 23.63 0.47
CA LEU A 77 13.33 22.69 1.24
C LEU A 77 12.68 21.72 0.24
N PHE A 78 13.01 20.43 0.38
CA PHE A 78 12.40 19.36 -0.40
C PHE A 78 11.35 18.67 0.46
N THR A 79 10.15 18.46 -0.07
CA THR A 79 9.15 17.79 0.73
C THR A 79 8.53 16.65 -0.05
N PHE A 80 8.42 15.50 0.60
CA PHE A 80 7.67 14.36 0.10
C PHE A 80 6.42 14.17 0.94
N LYS A 81 5.30 13.91 0.27
CA LYS A 81 4.02 13.70 0.92
C LYS A 81 3.47 12.33 0.53
N MET A 82 2.96 11.58 1.51
CA MET A 82 2.44 10.24 1.19
C MET A 82 1.64 9.66 2.34
N PRO A 83 0.55 8.94 2.06
CA PRO A 83 -0.15 8.22 3.16
C PRO A 83 0.73 7.10 3.68
N LEU A 84 0.83 7.03 5.01
CA LEU A 84 1.61 5.98 5.65
C LEU A 84 0.77 4.71 5.78
N ASN A 85 0.38 4.16 4.62
CA ASN A 85 -0.46 2.96 4.58
C ASN A 85 0.34 1.68 4.88
N LEU A 86 0.97 1.64 6.06
CA LEU A 86 1.89 0.57 6.45
C LEU A 86 1.48 -0.02 7.79
N ALA A 87 1.77 -1.32 7.96
CA ALA A 87 1.46 -2.01 9.20
C ALA A 87 2.20 -1.35 10.36
N PRO A 88 1.62 -1.40 11.57
CA PRO A 88 2.39 -0.95 12.73
C PRO A 88 3.71 -1.70 12.80
N GLY A 89 4.71 -1.04 13.34
CA GLY A 89 6.05 -1.59 13.39
C GLY A 89 7.08 -0.50 13.46
N LYS A 90 8.33 -0.92 13.36
CA LYS A 90 9.48 -0.04 13.44
C LYS A 90 10.09 0.07 12.05
N TYR A 91 10.49 1.29 11.66
CA TYR A 91 10.90 1.56 10.29
C TYR A 91 12.14 2.46 10.29
N THR A 92 12.80 2.51 9.14
CA THR A 92 13.86 3.48 8.93
C THR A 92 13.70 4.14 7.58
N LEU A 93 14.17 5.38 7.48
CA LEU A 93 14.15 6.14 6.23
C LEU A 93 15.56 6.32 5.69
N THR A 94 15.69 6.22 4.36
CA THR A 94 16.93 6.43 3.63
C THR A 94 16.65 7.45 2.52
N VAL A 95 17.59 8.38 2.30
CA VAL A 95 17.39 9.47 1.34
C VAL A 95 18.66 9.70 0.52
N ALA A 96 18.49 10.27 -0.67
CA ALA A 96 19.61 10.50 -1.56
C ALA A 96 19.29 11.59 -2.59
N LEU A 97 20.35 12.29 -3.03
CA LEU A 97 20.32 13.22 -4.14
C LEU A 97 21.36 12.81 -5.18
N HIS A 98 20.98 12.84 -6.45
CA HIS A 98 21.92 12.56 -7.52
C HIS A 98 21.45 13.25 -8.79
N LYS A 99 22.29 13.20 -9.83
CA LYS A 99 21.90 13.77 -11.13
C LYS A 99 21.22 12.74 -12.01
N GLY A 100 21.96 11.69 -12.39
CA GLY A 100 21.43 10.65 -13.24
C GLY A 100 20.69 9.60 -12.44
N MET A 101 20.13 8.62 -13.14
CA MET A 101 19.64 7.44 -12.43
C MET A 101 20.11 6.13 -13.05
N ASP A 102 20.24 6.05 -14.38
CA ASP A 102 20.79 4.88 -15.04
C ASP A 102 22.31 5.00 -15.04
N HIS A 103 22.98 4.05 -14.37
CA HIS A 103 24.42 4.07 -14.18
C HIS A 103 24.88 5.28 -13.36
N ALA A 104 23.94 6.01 -12.76
CA ALA A 104 24.21 7.01 -11.72
C ALA A 104 25.30 7.98 -12.16
N GLN A 105 24.98 8.80 -13.16
CA GLN A 105 25.95 9.73 -13.73
C GLN A 105 26.72 10.50 -12.66
N GLU A 106 26.13 10.68 -11.48
CA GLU A 106 26.89 10.97 -10.27
C GLU A 106 25.94 10.99 -9.08
N CYS A 107 26.53 10.84 -7.90
CA CYS A 107 25.82 10.88 -6.62
C CYS A 107 26.19 12.18 -5.91
N TYR A 108 25.18 12.95 -5.50
CA TYR A 108 25.52 14.16 -4.76
C TYR A 108 25.64 13.90 -3.26
N HIS A 109 24.63 13.27 -2.67
CA HIS A 109 24.62 12.98 -1.24
C HIS A 109 23.56 11.93 -0.94
N TRP A 110 23.92 10.93 -0.15
CA TRP A 110 22.89 9.98 0.27
C TRP A 110 23.20 9.50 1.68
N ILE A 111 22.17 9.39 2.51
CA ILE A 111 22.28 9.05 3.92
C ILE A 111 21.51 7.76 4.15
N ASP A 112 22.24 6.69 4.47
CA ASP A 112 21.60 5.41 4.74
C ASP A 112 20.91 5.43 6.10
N ASN A 113 19.66 5.00 6.12
CA ASN A 113 18.88 4.91 7.35
C ASN A 113 19.13 6.14 8.23
N VAL A 114 18.87 7.31 7.64
CA VAL A 114 19.03 8.57 8.34
C VAL A 114 18.11 8.68 9.56
N CYS A 115 17.01 7.94 9.59
CA CYS A 115 16.01 8.15 10.61
C CYS A 115 15.27 6.87 10.96
N ASN A 116 14.95 6.74 12.25
CA ASN A 116 14.03 5.74 12.75
C ASN A 116 12.67 6.40 12.94
N PHE A 117 11.61 5.68 12.59
CA PHE A 117 10.28 6.09 12.99
C PHE A 117 9.48 4.82 13.23
N GLU A 118 8.34 4.97 13.90
CA GLU A 118 7.45 3.83 14.13
C GLU A 118 6.02 4.20 13.76
N VAL A 119 5.24 3.16 13.47
CA VAL A 119 3.81 3.25 13.17
C VAL A 119 3.04 2.51 14.26
N ASN A 120 2.21 3.21 15.02
CA ASN A 120 1.41 2.62 16.10
C ASN A 120 -0.05 3.03 15.94
N GLY A 121 -0.93 2.05 16.03
CA GLY A 121 -2.35 2.24 15.92
C GLY A 121 -2.81 2.30 14.48
N PHE A 122 -4.11 2.53 14.33
CA PHE A 122 -4.75 2.63 13.02
C PHE A 122 -5.62 3.88 12.97
N LYS A 123 -5.37 4.73 11.97
CA LYS A 123 -6.22 5.89 11.80
C LYS A 123 -7.42 5.55 10.93
N LYS A 124 -7.21 4.67 9.97
CA LYS A 124 -8.25 4.05 9.14
C LYS A 124 -8.64 2.72 9.80
N GLU A 125 -9.25 1.81 9.04
CA GLU A 125 -9.60 0.50 9.59
C GLU A 125 -8.35 -0.29 10.03
N GLN A 126 -8.59 -1.36 10.80
CA GLN A 126 -7.52 -2.30 11.08
C GLN A 126 -7.37 -3.28 9.92
N PHE A 127 -6.16 -3.79 9.77
CA PHE A 127 -5.86 -4.71 8.69
C PHE A 127 -4.72 -5.59 9.17
N VAL A 128 -4.47 -6.67 8.43
CA VAL A 128 -3.30 -7.49 8.66
C VAL A 128 -2.39 -7.38 7.44
N GLY A 129 -1.12 -7.71 7.66
CA GLY A 129 -0.13 -7.68 6.60
C GLY A 129 0.68 -6.40 6.60
N VAL A 130 1.68 -6.37 5.71
CA VAL A 130 2.66 -5.30 5.72
C VAL A 130 2.01 -3.96 5.38
N CYS A 131 1.23 -3.91 4.31
CA CYS A 131 0.68 -2.67 3.80
C CYS A 131 -0.85 -2.71 3.81
N TYR A 132 -1.44 -1.53 3.64
CA TYR A 132 -2.88 -1.33 3.65
C TYR A 132 -3.36 -0.78 2.30
N LEU A 133 -4.29 -1.51 1.66
CA LEU A 133 -4.96 -1.02 0.46
C LEU A 133 -6.35 -0.53 0.82
N PRO A 134 -6.70 0.74 0.60
CA PRO A 134 -8.07 1.18 0.89
C PRO A 134 -9.08 0.35 0.11
N THR A 135 -10.06 -0.19 0.83
CA THR A 135 -10.98 -1.16 0.26
C THR A 135 -12.43 -0.75 0.49
N GLU A 136 -13.27 -1.03 -0.50
CA GLU A 136 -14.72 -0.87 -0.42
C GLU A 136 -15.37 -2.24 -0.60
N PHE A 137 -16.56 -2.40 -0.03
CA PHE A 137 -17.23 -3.69 -0.02
C PHE A 137 -18.72 -3.51 -0.19
N ASN A 138 -19.34 -4.35 -1.02
CA ASN A 138 -20.80 -4.34 -1.18
C ASN A 138 -21.29 -5.77 -1.43
N TYR A 139 -22.57 -5.98 -1.13
CA TYR A 139 -23.20 -7.27 -1.43
C TYR A 139 -24.65 -7.04 -1.80
N ARG A 140 -25.12 -7.85 -2.75
CA ARG A 140 -26.45 -7.77 -3.33
C ARG A 140 -27.03 -9.18 -3.40
N LYS A 141 -28.31 -9.33 -3.10
CA LYS A 141 -28.95 -10.59 -3.41
C LYS A 141 -29.18 -10.65 -4.90
N ILE A 142 -28.91 -11.82 -5.49
CA ILE A 142 -29.12 -11.99 -6.93
C ILE A 142 -30.23 -13.01 -7.11
N PRO A 143 -31.30 -12.67 -7.80
CA PRO A 143 -32.36 -13.65 -8.06
C PRO A 143 -31.93 -14.60 -9.15
N LYS A 144 -32.49 -15.81 -9.11
CA LYS A 144 -32.10 -16.83 -10.06
C LYS A 144 -32.69 -16.54 -11.44
N LEU A 145 -33.22 -15.33 -11.64
CA LEU A 145 -33.46 -14.80 -12.97
C LEU A 145 -32.12 -14.65 -13.73
N MET B 1 -16.15 -27.60 8.66
CA MET B 1 -16.68 -26.26 8.89
C MET B 1 -18.14 -26.19 8.44
N ASN B 2 -19.01 -25.54 9.22
CA ASN B 2 -20.43 -25.52 8.93
C ASN B 2 -20.72 -24.77 7.63
N PHE B 3 -21.57 -25.36 6.80
CA PHE B 3 -21.86 -24.87 5.45
C PHE B 3 -23.21 -24.16 5.33
N LYS B 4 -23.69 -23.50 6.38
CA LYS B 4 -24.98 -22.82 6.22
C LYS B 4 -24.90 -21.71 5.18
N ALA B 5 -23.74 -21.08 5.03
CA ALA B 5 -23.43 -20.23 3.88
C ALA B 5 -22.15 -20.72 3.24
N VAL B 6 -22.08 -20.68 1.90
CA VAL B 6 -20.97 -21.28 1.18
C VAL B 6 -20.52 -20.34 0.06
N ILE B 7 -19.20 -20.21 -0.11
CA ILE B 7 -18.62 -19.46 -1.22
C ILE B 7 -18.48 -20.41 -2.40
N LYS B 8 -19.27 -20.18 -3.46
CA LYS B 8 -19.31 -21.10 -4.60
C LYS B 8 -18.43 -20.67 -5.77
N GLU B 9 -18.05 -19.40 -5.87
CA GLU B 9 -17.13 -18.96 -6.93
C GLU B 9 -16.44 -17.68 -6.50
N VAL B 10 -15.18 -17.54 -6.92
CA VAL B 10 -14.40 -16.32 -6.76
C VAL B 10 -13.92 -15.86 -8.13
N ARG B 11 -14.03 -14.55 -8.39
CA ARG B 11 -13.57 -14.00 -9.66
C ARG B 11 -12.77 -12.73 -9.45
N LEU B 12 -11.67 -12.63 -10.18
CA LEU B 12 -10.87 -11.41 -10.23
C LEU B 12 -11.19 -10.65 -11.52
N LYS B 13 -11.35 -9.33 -11.41
CA LYS B 13 -11.73 -8.52 -12.56
C LYS B 13 -11.02 -7.18 -12.48
N SER B 14 -10.38 -6.79 -13.58
CA SER B 14 -9.94 -5.42 -13.71
C SER B 14 -11.11 -4.55 -14.20
N GLU B 15 -10.88 -3.26 -14.34
CA GLU B 15 -11.98 -2.44 -14.79
C GLU B 15 -12.28 -2.61 -16.26
N HIS B 16 -11.61 -3.54 -16.94
CA HIS B 16 -11.83 -3.78 -18.36
C HIS B 16 -12.24 -5.21 -18.69
N GLY B 17 -12.14 -6.14 -17.75
CA GLY B 17 -12.47 -7.52 -18.03
C GLY B 17 -12.00 -8.40 -16.90
N TYR B 18 -12.48 -9.64 -16.94
CA TYR B 18 -11.97 -10.61 -15.99
C TYR B 18 -10.54 -10.95 -16.37
N THR B 19 -9.69 -11.08 -15.37
CA THR B 19 -8.28 -11.37 -15.65
C THR B 19 -7.59 -11.66 -14.34
N ASN B 20 -6.42 -12.31 -14.45
CA ASN B 20 -5.58 -12.64 -13.29
C ASN B 20 -4.21 -11.98 -13.39
N ASN B 21 -4.08 -10.96 -14.24
CA ASN B 21 -2.81 -10.31 -14.51
C ASN B 21 -3.08 -8.82 -14.57
N PHE B 22 -2.61 -8.09 -13.55
CA PHE B 22 -2.90 -6.66 -13.42
C PHE B 22 -1.60 -5.86 -13.38
N PRO B 23 -1.59 -4.67 -13.98
CA PRO B 23 -0.48 -3.74 -13.75
C PRO B 23 -0.57 -3.17 -12.35
N SER B 24 0.57 -2.73 -11.83
CA SER B 24 0.57 -2.28 -10.44
C SER B 24 -0.19 -0.97 -10.33
N GLY B 25 -1.07 -0.89 -9.32
CA GLY B 25 -1.92 0.27 -9.15
C GLY B 25 -3.28 0.19 -9.81
N ASP B 26 -3.50 -0.76 -10.71
CA ASP B 26 -4.81 -0.98 -11.28
C ASP B 26 -5.82 -1.28 -10.16
N THR B 27 -7.08 -0.97 -10.41
CA THR B 27 -8.11 -1.31 -9.44
C THR B 27 -8.51 -2.77 -9.60
N LEU B 28 -8.52 -3.49 -8.49
CA LEU B 28 -8.88 -4.92 -8.47
C LEU B 28 -10.28 -5.08 -7.91
N PHE B 29 -11.09 -5.88 -8.61
CA PHE B 29 -12.42 -6.27 -8.14
C PHE B 29 -12.39 -7.75 -7.83
N ILE B 30 -12.64 -8.10 -6.57
CA ILE B 30 -12.81 -9.50 -6.15
C ILE B 30 -14.29 -9.75 -6.02
N GLU B 31 -14.83 -10.65 -6.85
CA GLU B 31 -16.23 -11.05 -6.79
C GLU B 31 -16.32 -12.43 -6.15
N LEU B 32 -17.18 -12.57 -5.13
CA LEU B 32 -17.46 -13.88 -4.53
C LEU B 32 -18.94 -14.20 -4.70
N ASP B 33 -19.22 -15.32 -5.34
CA ASP B 33 -20.56 -15.87 -5.37
C ASP B 33 -20.83 -16.61 -4.07
N VAL B 34 -21.78 -16.11 -3.28
CA VAL B 34 -22.13 -16.73 -2.01
C VAL B 34 -23.49 -17.39 -2.15
N GLU B 35 -23.67 -18.50 -1.43
CA GLU B 35 -24.98 -19.15 -1.35
C GLU B 35 -25.34 -19.39 0.11
N ALA B 36 -26.55 -19.01 0.48
CA ALA B 36 -27.02 -19.09 1.87
C ALA B 36 -28.13 -20.13 1.90
N LYS B 37 -27.80 -21.32 2.44
CA LYS B 37 -28.78 -22.40 2.55
C LYS B 37 -29.94 -22.01 3.45
N GLU B 38 -29.79 -20.97 4.23
CA GLU B 38 -30.75 -20.63 5.28
C GLU B 38 -30.57 -19.15 5.58
N ASP B 39 -31.21 -18.68 6.64
CA ASP B 39 -31.07 -17.28 7.03
C ASP B 39 -29.92 -17.13 8.01
N LEU B 40 -28.93 -16.32 7.63
CA LEU B 40 -27.77 -16.05 8.46
C LEU B 40 -27.80 -14.58 8.86
N GLN B 41 -27.72 -14.34 10.17
CA GLN B 41 -27.44 -13.00 10.65
C GLN B 41 -25.97 -13.00 10.98
N ASP B 42 -25.38 -11.81 11.07
CA ASP B 42 -24.04 -11.73 11.59
C ASP B 42 -23.09 -12.56 10.73
N VAL B 43 -22.94 -12.13 9.47
CA VAL B 43 -22.04 -12.77 8.52
C VAL B 43 -20.82 -11.86 8.34
N VAL B 44 -19.65 -12.46 8.11
CA VAL B 44 -18.38 -11.75 7.99
C VAL B 44 -17.59 -12.35 6.83
N ALA B 45 -17.16 -11.51 5.89
CA ALA B 45 -16.34 -11.97 4.77
C ALA B 45 -14.96 -11.34 4.86
N GLY B 46 -13.94 -12.12 4.51
CA GLY B 46 -12.56 -11.65 4.59
C GLY B 46 -11.79 -12.08 3.36
N ILE B 47 -10.78 -11.29 3.03
CA ILE B 47 -9.83 -11.60 1.97
C ILE B 47 -8.44 -11.48 2.55
N LEU B 48 -7.49 -12.18 1.92
CA LEU B 48 -6.09 -12.14 2.33
C LEU B 48 -5.23 -12.34 1.09
N ILE B 49 -4.43 -11.32 0.75
CA ILE B 49 -3.45 -11.41 -0.33
C ILE B 49 -2.13 -11.85 0.27
N ARG B 50 -1.44 -12.81 -0.35
CA ARG B 50 -0.18 -13.30 0.19
C ARG B 50 0.90 -13.30 -0.87
N ASP B 51 2.14 -13.13 -0.39
CA ASP B 51 3.36 -13.30 -1.15
C ASP B 51 3.46 -14.65 -1.82
N ARG B 52 4.32 -14.76 -2.82
CA ARG B 52 4.77 -16.07 -3.25
C ARG B 52 5.78 -16.65 -2.25
N PHE B 53 6.11 -15.91 -1.18
CA PHE B 53 7.04 -16.40 -0.15
C PHE B 53 6.39 -16.52 1.23
N GLY B 54 5.05 -16.50 1.31
CA GLY B 54 4.43 -16.75 2.59
C GLY B 54 4.20 -15.50 3.40
N GLN B 55 4.61 -14.34 2.89
CA GLN B 55 4.40 -13.09 3.58
C GLN B 55 2.96 -12.62 3.39
N ASP B 56 2.27 -12.36 4.49
CA ASP B 56 0.98 -11.68 4.39
C ASP B 56 1.23 -10.26 3.89
N ILE B 57 0.67 -9.92 2.73
CA ILE B 57 0.82 -8.57 2.22
C ILE B 57 -0.32 -7.66 2.67
N PHE B 58 -1.55 -8.14 2.55
CA PHE B 58 -2.68 -7.35 3.01
C PHE B 58 -3.91 -8.23 3.17
N GLY B 59 -4.60 -8.06 4.28
CA GLY B 59 -5.85 -8.77 4.51
C GLY B 59 -6.79 -7.94 5.37
N ILE B 60 -8.09 -8.09 5.11
CA ILE B 60 -9.11 -7.33 5.81
C ILE B 60 -10.41 -8.12 5.72
N ASN B 61 -11.33 -7.86 6.63
CA ASN B 61 -12.65 -8.48 6.58
C ASN B 61 -13.71 -7.39 6.78
N THR B 62 -14.96 -7.75 6.48
CA THR B 62 -16.08 -6.81 6.62
C THR B 62 -16.38 -6.44 8.07
N TYR B 63 -15.91 -7.22 9.04
CA TYR B 63 -16.05 -6.81 10.43
C TYR B 63 -15.09 -5.67 10.75
N LEU B 64 -13.81 -5.84 10.41
CA LEU B 64 -12.85 -4.75 10.57
C LEU B 64 -13.30 -3.51 9.83
N MET B 65 -14.07 -3.66 8.77
CA MET B 65 -14.62 -2.54 8.02
C MET B 65 -15.93 -2.02 8.61
N GLU B 66 -16.44 -2.63 9.68
CA GLU B 66 -17.69 -2.21 10.32
C GLU B 66 -18.86 -2.17 9.35
N LYS B 67 -18.93 -3.17 8.47
CA LYS B 67 -20.02 -3.33 7.52
C LYS B 67 -20.77 -4.59 7.93
N LYS B 68 -22.00 -4.43 8.40
CA LYS B 68 -22.79 -5.56 8.87
C LYS B 68 -23.47 -6.23 7.69
N VAL B 69 -23.39 -7.56 7.66
CA VAL B 69 -23.84 -8.34 6.52
C VAL B 69 -24.82 -9.39 7.03
N GLU B 70 -26.06 -9.28 6.57
CA GLU B 70 -27.13 -10.16 6.99
C GLU B 70 -27.73 -10.77 5.72
N LEU B 71 -27.84 -12.10 5.69
CA LEU B 71 -28.35 -12.80 4.50
C LEU B 71 -29.67 -13.48 4.77
N LYS B 72 -30.49 -13.54 3.74
CA LYS B 72 -31.64 -14.42 3.70
C LYS B 72 -31.37 -15.49 2.63
N LYS B 73 -32.09 -16.61 2.71
CA LYS B 73 -31.74 -17.75 1.88
C LYS B 73 -31.89 -17.40 0.41
N GLY B 74 -30.84 -17.70 -0.36
CA GLY B 74 -30.73 -17.25 -1.72
C GLY B 74 -29.27 -17.07 -2.09
N LYS B 75 -29.07 -16.54 -3.30
CA LYS B 75 -27.73 -16.34 -3.82
C LYS B 75 -27.37 -14.87 -3.67
N TYR B 76 -26.09 -14.61 -3.47
CA TYR B 76 -25.62 -13.25 -3.27
C TYR B 76 -24.37 -13.04 -4.12
N LEU B 77 -24.00 -11.77 -4.29
CA LEU B 77 -22.72 -11.39 -4.87
C LEU B 77 -21.98 -10.52 -3.88
N PHE B 78 -20.80 -10.95 -3.44
CA PHE B 78 -19.92 -10.13 -2.61
C PHE B 78 -18.82 -9.56 -3.50
N THR B 79 -18.53 -8.28 -3.36
CA THR B 79 -17.47 -7.63 -4.13
C THR B 79 -16.55 -6.89 -3.17
N PHE B 80 -15.25 -7.08 -3.36
CA PHE B 80 -14.21 -6.25 -2.76
C PHE B 80 -13.50 -5.45 -3.84
N LYS B 81 -13.29 -4.15 -3.61
CA LYS B 81 -12.63 -3.26 -4.57
C LYS B 81 -11.45 -2.56 -3.92
N MET B 82 -10.30 -2.50 -4.61
CA MET B 82 -9.11 -1.94 -3.97
C MET B 82 -7.98 -1.69 -4.97
N PRO B 83 -7.21 -0.61 -4.82
CA PRO B 83 -6.03 -0.42 -5.67
C PRO B 83 -4.97 -1.46 -5.36
N LEU B 84 -4.42 -2.05 -6.41
CA LEU B 84 -3.33 -3.03 -6.26
C LEU B 84 -1.99 -2.29 -6.20
N ASN B 85 -1.81 -1.53 -5.12
CA ASN B 85 -0.57 -0.80 -4.88
C ASN B 85 0.52 -1.75 -4.37
N LEU B 86 0.80 -2.78 -5.16
CA LEU B 86 1.69 -3.87 -4.79
C LEU B 86 2.80 -3.99 -5.81
N ALA B 87 3.97 -4.44 -5.35
CA ALA B 87 5.09 -4.62 -6.25
C ALA B 87 4.74 -5.65 -7.33
N PRO B 88 5.32 -5.52 -8.52
CA PRO B 88 5.20 -6.61 -9.50
C PRO B 88 5.67 -7.92 -8.88
N GLY B 89 5.02 -9.00 -9.25
CA GLY B 89 5.30 -10.32 -8.70
C GLY B 89 4.06 -11.19 -8.76
N LYS B 90 4.20 -12.41 -8.21
CA LYS B 90 3.10 -13.39 -8.18
C LYS B 90 2.52 -13.50 -6.78
N TYR B 91 1.19 -13.56 -6.70
CA TYR B 91 0.44 -13.45 -5.47
C TYR B 91 -0.64 -14.51 -5.37
N THR B 92 -1.19 -14.66 -4.16
CA THR B 92 -2.34 -15.53 -3.96
C THR B 92 -3.41 -14.76 -3.20
N LEU B 93 -4.68 -15.13 -3.45
CA LEU B 93 -5.83 -14.61 -2.73
C LEU B 93 -6.47 -15.72 -1.91
N THR B 94 -6.89 -15.38 -0.69
CA THR B 94 -7.59 -16.29 0.19
C THR B 94 -8.85 -15.59 0.67
N VAL B 95 -9.98 -16.30 0.70
CA VAL B 95 -11.27 -15.71 1.06
C VAL B 95 -12.02 -16.64 2.01
N ALA B 96 -12.93 -16.07 2.80
CA ALA B 96 -13.65 -16.89 3.78
C ALA B 96 -14.94 -16.24 4.24
N LEU B 97 -15.88 -17.08 4.70
CA LEU B 97 -17.08 -16.64 5.40
C LEU B 97 -17.11 -17.27 6.79
N HIS B 98 -17.47 -16.49 7.79
CA HIS B 98 -17.61 -16.93 9.16
C HIS B 98 -18.72 -16.08 9.75
N LYS B 99 -19.18 -16.44 10.94
CA LYS B 99 -20.34 -15.64 11.31
C LYS B 99 -19.69 -14.48 12.09
N GLY B 100 -20.34 -13.77 13.02
CA GLY B 100 -19.79 -12.52 13.53
C GLY B 100 -18.56 -12.60 14.42
N MET B 101 -17.40 -12.76 13.77
CA MET B 101 -16.19 -13.21 14.42
C MET B 101 -14.95 -12.46 13.93
N ASP B 102 -13.87 -12.65 14.69
CA ASP B 102 -12.51 -12.49 14.18
C ASP B 102 -11.74 -13.76 14.52
N HIS B 103 -10.72 -14.05 13.72
CA HIS B 103 -10.00 -15.31 13.67
C HIS B 103 -10.83 -16.36 12.94
N ALA B 104 -12.08 -16.08 12.60
CA ALA B 104 -12.92 -17.01 11.87
C ALA B 104 -13.01 -18.36 12.59
N GLN B 105 -13.36 -18.31 13.87
CA GLN B 105 -13.53 -19.53 14.66
C GLN B 105 -14.86 -20.22 14.36
N GLU B 106 -15.89 -19.47 13.98
CA GLU B 106 -17.16 -20.03 13.50
C GLU B 106 -17.20 -19.82 11.98
N CYS B 107 -16.58 -20.75 11.26
CA CYS B 107 -16.25 -20.57 9.85
C CYS B 107 -17.24 -21.32 8.97
N TYR B 108 -17.88 -20.59 8.05
CA TYR B 108 -18.82 -21.19 7.10
C TYR B 108 -18.08 -21.75 5.89
N HIS B 109 -17.07 -21.03 5.40
CA HIS B 109 -16.27 -21.53 4.29
C HIS B 109 -14.94 -20.79 4.25
N TRP B 110 -13.85 -21.54 4.06
CA TRP B 110 -12.49 -21.01 3.97
C TRP B 110 -11.78 -21.72 2.84
N ILE B 111 -11.27 -20.95 1.89
CA ILE B 111 -10.60 -21.46 0.69
C ILE B 111 -9.22 -20.84 0.64
N ASP B 112 -8.20 -21.66 0.92
CA ASP B 112 -6.81 -21.22 0.87
C ASP B 112 -6.37 -21.06 -0.59
N ASN B 113 -5.67 -19.98 -0.89
CA ASN B 113 -5.17 -19.71 -2.23
C ASN B 113 -6.22 -20.09 -3.27
N VAL B 114 -7.43 -19.55 -3.07
CA VAL B 114 -8.52 -19.81 -4.00
C VAL B 114 -8.16 -19.31 -5.39
N CYS B 115 -7.27 -18.33 -5.49
CA CYS B 115 -6.97 -17.69 -6.76
C CYS B 115 -5.52 -17.26 -6.79
N ASN B 116 -4.89 -17.45 -7.94
CA ASN B 116 -3.58 -16.93 -8.21
C ASN B 116 -3.74 -15.71 -9.12
N PHE B 117 -2.99 -14.67 -8.83
CA PHE B 117 -2.91 -13.55 -9.76
C PHE B 117 -1.50 -13.02 -9.71
N GLU B 118 -1.17 -12.25 -10.73
CA GLU B 118 0.13 -11.60 -10.78
C GLU B 118 -0.08 -10.12 -11.08
N VAL B 119 0.90 -9.35 -10.66
CA VAL B 119 1.02 -7.93 -10.96
C VAL B 119 2.26 -7.80 -11.83
N ASN B 120 2.11 -7.23 -13.02
CA ASN B 120 3.28 -7.25 -13.89
C ASN B 120 3.77 -5.87 -14.29
N GLY B 121 2.91 -5.03 -14.84
CA GLY B 121 3.33 -3.70 -15.26
C GLY B 121 3.34 -2.69 -14.13
N PHE B 122 3.39 -1.43 -14.53
CA PHE B 122 3.16 -0.31 -13.63
C PHE B 122 2.09 0.56 -14.28
N LYS B 123 0.97 0.76 -13.59
CA LYS B 123 -0.07 1.63 -14.15
C LYS B 123 0.17 3.09 -13.79
N LYS B 124 0.66 3.32 -12.58
CA LYS B 124 1.13 4.59 -12.03
C LYS B 124 2.65 4.69 -12.26
N GLU B 125 3.33 5.48 -11.42
CA GLU B 125 4.79 5.52 -11.45
C GLU B 125 5.39 4.16 -11.10
N GLN B 126 6.68 4.06 -11.35
CA GLN B 126 7.47 2.97 -10.83
C GLN B 126 7.88 3.26 -9.39
N PHE B 127 8.13 2.19 -8.66
CA PHE B 127 8.57 2.31 -7.28
C PHE B 127 9.37 1.04 -6.98
N VAL B 128 10.04 1.03 -5.84
CA VAL B 128 10.67 -0.17 -5.31
C VAL B 128 10.00 -0.54 -4.00
N GLY B 129 10.22 -1.79 -3.56
CA GLY B 129 9.67 -2.26 -2.31
C GLY B 129 8.35 -2.99 -2.52
N VAL B 130 7.81 -3.46 -1.39
CA VAL B 130 6.64 -4.34 -1.44
C VAL B 130 5.43 -3.60 -2.00
N CYS B 131 5.13 -2.42 -1.44
CA CYS B 131 3.91 -1.70 -1.73
C CYS B 131 4.23 -0.34 -2.35
N TYR B 132 3.20 0.33 -2.84
CA TYR B 132 3.33 1.65 -3.40
C TYR B 132 2.48 2.63 -2.59
N LEU B 133 3.13 3.63 -2.02
CA LEU B 133 2.39 4.70 -1.37
C LEU B 133 2.32 5.85 -2.36
N PRO B 134 1.13 6.29 -2.76
CA PRO B 134 1.04 7.46 -3.66
C PRO B 134 1.77 8.65 -3.07
N THR B 135 2.66 9.25 -3.85
CA THR B 135 3.56 10.27 -3.33
C THR B 135 3.48 11.57 -4.11
N GLU B 136 3.52 12.68 -3.39
CA GLU B 136 3.63 13.99 -3.97
C GLU B 136 4.93 14.61 -3.51
N PHE B 137 5.51 15.48 -4.33
CA PHE B 137 6.82 16.07 -4.03
C PHE B 137 6.87 17.53 -4.48
N ASN B 138 7.49 18.37 -3.66
CA ASN B 138 7.62 19.79 -3.95
C ASN B 138 8.98 20.29 -3.47
N TYR B 139 9.44 21.39 -4.07
CA TYR B 139 10.64 22.05 -3.56
C TYR B 139 10.54 23.57 -3.69
N ARG B 140 11.07 24.24 -2.68
CA ARG B 140 10.97 25.67 -2.54
C ARG B 140 12.35 26.18 -2.14
N LYS B 141 12.77 27.27 -2.77
CA LYS B 141 13.97 27.95 -2.32
C LYS B 141 13.63 28.77 -1.07
N ILE B 142 14.50 28.67 -0.06
CA ILE B 142 14.35 29.34 1.21
C ILE B 142 15.54 30.24 1.45
N PRO B 143 15.40 31.30 2.25
CA PRO B 143 16.60 32.08 2.60
C PRO B 143 17.50 31.35 3.61
C1 GOL C . 14.13 22.70 14.38
O1 GOL C . 13.38 21.71 15.03
C2 GOL C . 14.85 22.05 13.18
O2 GOL C . 14.50 22.60 11.96
C3 GOL C . 16.33 22.25 13.50
O3 GOL C . 16.91 22.86 12.39
H11 GOL C . 14.79 23.11 14.96
H12 GOL C . 13.58 23.43 14.05
HO1 GOL C . 13.32 21.95 15.84
H2 GOL C . 14.61 21.10 13.11
HO2 GOL C . 15.22 22.74 11.52
H31 GOL C . 16.74 21.40 13.72
H32 GOL C . 16.41 22.78 14.31
HO3 GOL C . 17.61 23.27 12.67
C1 GOL D . 12.68 12.66 13.07
O1 GOL D . 12.08 11.94 14.12
C2 GOL D . 13.66 11.71 12.36
O2 GOL D . 13.67 11.89 10.99
C3 GOL D . 15.06 12.00 12.97
O3 GOL D . 15.84 12.66 11.96
H11 GOL D . 13.17 13.44 13.39
H12 GOL D . 12.04 13.00 12.43
HO1 GOL D . 11.32 12.29 14.25
H2 GOL D . 13.39 10.79 12.53
HO2 GOL D . 14.39 12.28 10.77
H31 GOL D . 15.46 11.15 13.25
H32 GOL D . 14.96 12.52 13.77
HO3 GOL D . 16.60 12.29 11.97
#